data_6QXC
#
_entry.id   6QXC
#
_entity_poly.entity_id   1
_entity_poly.type   'polypeptide(L)'
_entity_poly.pdbx_seq_one_letter_code
;FV(PH6)WFSKFLGRIL(NH2)
;
_entity_poly.pdbx_strand_id   A
#
loop_
_chem_comp.id
_chem_comp.type
_chem_comp.name
_chem_comp.formula
NH2 non-polymer 'AMINO GROUP' 'H2 N'
#
# COMPACT_ATOMS: atom_id res chain seq x y z
N PHE A 1 -2.07 -13.86 -3.70
CA PHE A 1 -2.03 -12.38 -3.71
C PHE A 1 -0.78 -11.86 -2.92
N VAL A 2 -0.19 -10.74 -3.34
CA VAL A 2 0.87 -10.08 -2.52
C VAL A 2 0.28 -9.37 -1.25
C PH6 A 3 0.92 -7.22 1.06
O PH6 A 3 1.98 -6.79 1.52
CA PH6 A 3 0.49 -8.72 1.17
CB PH6 A 3 1.20 -9.50 2.28
CG PH6 A 3 2.47 -10.09 1.64
CD PH6 A 3 1.99 -10.43 0.23
N PH6 A 3 0.87 -9.51 -0.03
C1 PH6 A 3 3.43 -10.99 3.83
C6 PH6 A 3 3.94 -12.24 4.57
C5 PH6 A 3 5.14 -12.88 3.81
C4 PH6 A 3 4.77 -13.21 2.34
C3 PH6 A 3 4.26 -11.95 1.62
C2 PH6 A 3 3.04 -11.33 2.36
HA PH6 A 3 -0.61 -8.78 1.34
HB2 PH6 A 3 0.53 -10.30 2.67
HB3 PH6 A 3 1.45 -8.85 3.14
HG2 PH6 A 3 3.23 -9.30 1.57
HD2 PH6 A 3 1.63 -11.48 0.15
HD3 PH6 A 3 2.83 -10.31 -0.48
H1 PH6 A 3 4.21 -10.19 3.85
H61 PH6 A 3 4.22 -11.99 5.60
H62 PH6 A 3 3.11 -12.98 4.64
H21 PH6 A 3 2.25 -12.09 2.40
H22 PH6 A 3 2.57 -10.57 4.38
H51 PH6 A 3 5.48 -13.79 4.34
H52 PH6 A 3 5.99 -12.17 3.83
H41 PH6 A 3 5.65 -13.64 1.82
H42 PH6 A 3 3.99 -13.99 2.32
H31 PH6 A 3 4.00 -12.22 0.57
H32 PH6 A 3 5.08 -11.21 1.52
N TRP A 4 0.07 -6.43 0.41
CA TRP A 4 0.29 -4.97 0.27
C TRP A 4 0.00 -4.22 1.60
N PHE A 5 1.03 -3.56 2.12
CA PHE A 5 0.97 -2.81 3.42
C PHE A 5 1.04 -1.29 3.17
N SER A 6 2.15 -0.81 2.57
CA SER A 6 2.28 0.59 2.08
C SER A 6 1.65 0.86 0.67
N LYS A 7 0.55 0.19 0.30
CA LYS A 7 -0.20 0.46 -0.93
C LYS A 7 -1.26 1.59 -0.80
N PHE A 8 -2.16 1.45 0.18
CA PHE A 8 -3.11 2.54 0.54
C PHE A 8 -2.44 3.84 1.09
N LEU A 9 -1.50 3.69 2.04
CA LEU A 9 -0.61 4.80 2.48
C LEU A 9 0.34 5.35 1.38
N GLY A 10 1.04 4.53 0.57
CA GLY A 10 1.90 5.02 -0.53
C GLY A 10 1.28 5.95 -1.61
N ARG A 11 0.07 5.62 -2.08
CA ARG A 11 -0.76 6.56 -2.89
C ARG A 11 -1.21 7.89 -2.20
N ILE A 12 -1.91 7.80 -1.06
CA ILE A 12 -2.31 9.00 -0.24
C ILE A 12 -1.11 9.87 0.27
N LEU A 13 0.04 9.26 0.59
CA LEU A 13 1.33 9.94 0.90
C LEU A 13 1.73 11.11 -0.08
N NH2 A 14 2.09 10.84 -1.32
HN1 NH2 A 14 2.20 11.68 -1.89
HN2 NH2 A 14 2.00 9.86 -1.60
N PHE A 1 -2.32 -14.13 -3.73
CA PHE A 1 -1.74 -12.76 -3.82
C PHE A 1 -0.96 -12.34 -2.52
N VAL A 2 -0.19 -11.24 -2.58
CA VAL A 2 0.44 -10.63 -1.37
C VAL A 2 -0.31 -9.30 -0.96
C PH6 A 3 -0.13 -6.54 0.77
O PH6 A 3 0.90 -6.56 1.47
CA PH6 A 3 -1.15 -7.71 0.80
CB PH6 A 3 -1.66 -8.03 2.21
CG PH6 A 3 -0.85 -9.23 2.71
CD PH6 A 3 -0.43 -9.98 1.44
N PH6 A 3 -0.60 -9.01 0.35
C1 PH6 A 3 -1.51 -10.13 3.81
C6 PH6 A 3 -2.87 -10.75 3.38
C5 PH6 A 3 -3.48 -11.68 4.46
C4 PH6 A 3 -2.47 -12.79 4.84
C3 PH6 A 3 -1.13 -12.19 5.33
C2 PH6 A 3 -0.52 -11.25 4.28
HA PH6 A 3 -2.03 -7.46 0.17
HB2 PH6 A 3 -2.75 -8.26 2.15
HB3 PH6 A 3 -1.59 -7.16 2.89
HG2 PH6 A 3 0.09 -8.81 3.14
HD2 PH6 A 3 -1.06 -10.87 1.24
HD3 PH6 A 3 0.62 -10.33 1.54
H1 PH6 A 3 -1.70 -9.49 4.68
H61 PH6 A 3 -3.61 -9.96 3.15
H62 PH6 A 3 -2.78 -11.33 2.44
H21 PH6 A 3 0.42 -10.80 4.68
H22 PH6 A 3 -0.19 -11.86 3.42
H51 PH6 A 3 -4.42 -12.12 4.08
H52 PH6 A 3 -3.75 -11.09 5.34
H41 PH6 A 3 -2.92 -13.45 5.62
H42 PH6 A 3 -2.29 -13.45 3.96
H31 PH6 A 3 -0.43 -13.00 5.58
H32 PH6 A 3 -1.29 -11.64 6.28
N TRP A 4 -0.42 -5.52 -0.03
CA TRP A 4 0.49 -4.35 -0.20
C TRP A 4 0.07 -3.16 0.73
N PHE A 5 0.61 -3.17 1.96
CA PHE A 5 0.27 -2.15 3.01
C PHE A 5 0.99 -0.78 2.75
N SER A 6 2.33 -0.80 2.66
CA SER A 6 3.16 0.33 2.13
C SER A 6 2.73 0.97 0.77
N LYS A 7 2.33 0.16 -0.24
CA LYS A 7 1.72 0.68 -1.49
C LYS A 7 0.39 1.50 -1.33
N PHE A 8 -0.51 1.04 -0.44
CA PHE A 8 -1.67 1.84 0.05
C PHE A 8 -1.30 3.18 0.71
N LEU A 9 -0.50 3.16 1.80
CA LEU A 9 0.10 4.40 2.40
C LEU A 9 0.81 5.34 1.39
N GLY A 10 1.70 4.85 0.51
CA GLY A 10 2.30 5.67 -0.61
C GLY A 10 1.35 6.43 -1.57
N ARG A 11 0.29 5.78 -2.05
CA ARG A 11 -0.83 6.45 -2.78
C ARG A 11 -1.66 7.47 -1.94
N ILE A 12 -2.18 7.07 -0.76
CA ILE A 12 -2.94 7.97 0.16
C ILE A 12 -2.08 9.16 0.74
N LEU A 13 -0.77 8.97 1.00
CA LEU A 13 0.23 10.04 1.33
C LEU A 13 0.15 11.35 0.47
N NH2 A 14 0.36 11.30 -0.84
HN1 NH2 A 14 0.17 12.19 -1.31
HN2 NH2 A 14 0.46 10.37 -1.25
N PHE A 1 -3.43 -12.43 -4.52
CA PHE A 1 -3.00 -11.02 -4.31
C PHE A 1 -1.78 -10.91 -3.31
N VAL A 2 -1.15 -9.74 -3.24
CA VAL A 2 -0.11 -9.45 -2.21
C VAL A 2 -0.64 -8.43 -1.14
C PH6 A 3 0.27 -6.37 1.21
O PH6 A 3 1.33 -6.35 1.85
CA PH6 A 3 -0.71 -7.58 1.23
CB PH6 A 3 -0.65 -8.40 2.53
CG PH6 A 3 0.33 -9.57 2.27
CD PH6 A 3 0.23 -9.81 0.76
N PH6 A 3 -0.37 -8.59 0.19
C1 PH6 A 3 -1.45 -12.76 3.87
C6 PH6 A 3 -0.39 -13.80 3.47
C5 PH6 A 3 1.04 -13.22 3.63
C4 PH6 A 3 1.22 -11.92 2.82
C3 PH6 A 3 0.13 -10.85 3.13
C2 PH6 A 3 -1.31 -11.46 3.05
HA PH6 A 3 -1.74 -7.22 1.11
HB2 PH6 A 3 -1.66 -8.75 2.77
HB3 PH6 A 3 -0.33 -7.80 3.40
HG2 PH6 A 3 1.34 -9.18 2.47
HD2 PH6 A 3 -0.40 -10.68 0.50
HD3 PH6 A 3 1.24 -10.00 0.34
H1 PH6 A 3 -1.38 -12.53 4.95
H61 PH6 A 3 -0.50 -14.71 4.08
H62 PH6 A 3 -0.54 -14.11 2.42
H21 PH6 A 3 -1.57 -11.70 1.99
H22 PH6 A 3 -2.48 -13.18 3.73
H51 PH6 A 3 1.80 -13.97 3.31
H52 PH6 A 3 1.25 -13.02 4.69
H41 PH6 A 3 2.23 -11.51 2.98
H42 PH6 A 3 1.19 -12.17 1.74
H31 PH6 A 3 0.27 -10.54 4.19
H32 PH6 A 3 -2.08 -10.75 3.38
N TRP A 4 -0.13 -5.34 0.46
CA TRP A 4 0.65 -4.08 0.35
C TRP A 4 0.38 -3.18 1.58
N PHE A 5 1.35 -3.11 2.50
CA PHE A 5 1.23 -2.32 3.76
C PHE A 5 1.67 -0.83 3.52
N SER A 6 2.98 -0.62 3.32
CA SER A 6 3.55 0.68 2.86
C SER A 6 3.13 1.14 1.43
N LYS A 7 3.10 0.23 0.43
CA LYS A 7 2.52 0.51 -0.92
C LYS A 7 1.07 1.10 -0.99
N PHE A 8 0.15 0.60 -0.14
CA PHE A 8 -1.17 1.28 0.12
C PHE A 8 -1.06 2.73 0.67
N LEU A 9 -0.41 2.91 1.85
CA LEU A 9 -0.08 4.26 2.39
C LEU A 9 0.63 5.21 1.38
N GLY A 10 1.68 4.78 0.64
CA GLY A 10 2.28 5.56 -0.47
C GLY A 10 1.37 6.07 -1.61
N ARG A 11 0.47 5.23 -2.13
CA ARG A 11 -0.63 5.68 -3.04
C ARG A 11 -1.69 6.63 -2.39
N ILE A 12 -2.31 6.24 -1.27
CA ILE A 12 -3.30 7.09 -0.51
C ILE A 12 -2.69 8.44 0.05
N LEU A 13 -1.41 8.47 0.47
CA LEU A 13 -0.63 9.71 0.76
C LEU A 13 -0.78 10.91 -0.26
N NH2 A 14 -0.63 10.71 -1.55
HN1 NH2 A 14 -0.93 11.52 -2.10
HN2 NH2 A 14 -0.63 9.73 -1.85
N PHE A 1 -3.13 -12.44 -4.70
CA PHE A 1 -3.04 -11.04 -4.21
C PHE A 1 -1.89 -10.89 -3.18
N VAL A 2 -1.20 -9.74 -3.17
CA VAL A 2 -0.16 -9.45 -2.15
C VAL A 2 -0.69 -8.41 -1.09
C PH6 A 3 0.28 -6.34 1.17
O PH6 A 3 1.38 -6.33 1.74
CA PH6 A 3 -0.70 -7.53 1.25
CB PH6 A 3 -0.59 -8.31 2.56
CG PH6 A 3 0.36 -9.49 2.28
CD PH6 A 3 0.21 -9.76 0.78
N PH6 A 3 -0.42 -8.56 0.24
C1 PH6 A 3 0.16 -10.76 3.15
C6 PH6 A 3 -1.28 -11.36 3.04
C5 PH6 A 3 -1.45 -12.63 3.90
C4 PH6 A 3 -0.39 -13.68 3.51
C3 PH6 A 3 1.05 -13.11 3.66
C2 PH6 A 3 1.24 -11.84 2.82
HA PH6 A 3 -1.76 -7.17 1.16
HB2 PH6 A 3 -1.60 -8.64 2.88
HB3 PH6 A 3 -0.23 -7.70 3.41
HG2 PH6 A 3 1.39 -9.11 2.44
HD2 PH6 A 3 -0.43 -10.63 0.56
HD3 PH6 A 3 1.21 -9.98 0.35
H1 PH6 A 3 0.33 -10.45 4.20
H61 PH6 A 3 -2.05 -10.63 3.34
H62 PH6 A 3 -1.53 -11.62 2.01
H21 PH6 A 3 2.26 -11.44 2.97
H22 PH6 A 3 1.19 -12.12 1.75
H51 PH6 A 3 -2.47 -13.03 3.78
H52 PH6 A 3 -1.35 -12.36 4.97
H41 PH6 A 3 -0.51 -14.59 4.12
H42 PH6 A 3 -0.55 -14.00 2.46
H31 PH6 A 3 1.80 -13.88 3.38
H32 PH6 A 3 1.25 -12.89 4.73
N TRP A 4 -0.14 -5.32 0.44
CA TRP A 4 0.64 -4.08 0.31
C TRP A 4 0.38 -3.14 1.53
N PHE A 5 1.32 -3.15 2.48
CA PHE A 5 1.20 -2.36 3.74
C PHE A 5 1.63 -0.88 3.50
N SER A 6 2.94 -0.66 3.29
CA SER A 6 3.51 0.63 2.85
C SER A 6 3.10 1.08 1.42
N LYS A 7 3.10 0.18 0.42
CA LYS A 7 2.51 0.45 -0.92
C LYS A 7 1.07 1.08 -0.99
N PHE A 8 0.15 0.62 -0.12
CA PHE A 8 -1.15 1.29 0.11
C PHE A 8 -1.05 2.73 0.66
N LEU A 9 -0.45 2.90 1.85
CA LEU A 9 -0.12 4.25 2.39
C LEU A 9 0.62 5.21 1.42
N GLY A 10 1.63 4.76 0.66
CA GLY A 10 2.26 5.53 -0.43
C GLY A 10 1.34 6.06 -1.58
N ARG A 11 0.46 5.22 -2.12
CA ARG A 11 -0.64 5.68 -3.02
C ARG A 11 -1.71 6.64 -2.41
N ILE A 12 -2.34 6.24 -1.31
CA ILE A 12 -3.31 7.10 -0.54
C ILE A 12 -2.70 8.43 0.01
N LEU A 13 -1.42 8.44 0.43
CA LEU A 13 -0.64 9.66 0.78
C LEU A 13 -0.77 10.87 -0.20
N NH2 A 14 -0.53 10.71 -1.49
HN1 NH2 A 14 -0.88 11.50 -2.04
HN2 NH2 A 14 -0.47 9.73 -1.77
N PHE A 1 -2.25 -13.21 -4.60
CA PHE A 1 -1.64 -11.85 -4.42
C PHE A 1 -1.06 -11.66 -2.99
N VAL A 2 -0.20 -10.66 -2.79
CA VAL A 2 0.28 -10.26 -1.44
C VAL A 2 -0.43 -8.94 -0.93
C PH6 A 3 -0.17 -6.56 1.23
O PH6 A 3 0.48 -6.55 2.28
CA PH6 A 3 -1.33 -7.56 0.97
CB PH6 A 3 -2.01 -8.02 2.26
CG PH6 A 3 -1.34 -9.36 2.63
CD PH6 A 3 -0.84 -9.94 1.30
N PH6 A 3 -0.84 -8.83 0.36
C1 PH6 A 3 -2.21 -10.36 3.44
C6 PH6 A 3 -3.54 -10.76 2.71
C5 PH6 A 3 -4.38 -11.76 3.52
C4 PH6 A 3 -3.53 -13.01 3.86
C3 PH6 A 3 -2.25 -12.64 4.62
C2 PH6 A 3 -1.39 -11.64 3.83
HA PH6 A 3 -2.09 -7.09 0.33
HB2 PH6 A 3 -3.09 -8.13 2.08
HB3 PH6 A 3 -1.92 -7.30 3.09
HG2 PH6 A 3 -0.44 -9.12 3.23
HD2 PH6 A 3 -1.48 -10.75 0.91
HD3 PH6 A 3 0.16 -10.38 1.46
H1 PH6 A 3 -2.49 -9.85 4.38
H61 PH6 A 3 -4.17 -9.87 2.49
H62 PH6 A 3 -3.34 -11.22 1.72
H21 PH6 A 3 -0.49 -11.35 4.41
H22 PH6 A 3 -1.00 -12.14 2.93
H51 PH6 A 3 -5.29 -12.02 2.96
H52 PH6 A 3 -4.73 -11.27 4.46
H41 PH6 A 3 -4.14 -13.73 4.43
H42 PH6 A 3 -3.27 -13.54 2.91
H31 PH6 A 3 -1.65 -13.55 4.85
H32 PH6 A 3 -2.51 -12.20 5.61
N TRP A 4 0.07 -5.69 0.25
CA TRP A 4 1.07 -4.62 0.40
C TRP A 4 0.48 -3.41 1.19
N PHE A 5 0.84 -3.35 2.47
CA PHE A 5 0.40 -2.25 3.39
C PHE A 5 1.04 -0.86 3.04
N SER A 6 2.37 -0.83 2.89
CA SER A 6 3.13 0.28 2.23
C SER A 6 2.57 0.79 0.86
N LYS A 7 2.17 -0.08 -0.08
CA LYS A 7 1.38 0.34 -1.27
C LYS A 7 0.13 1.22 -1.04
N PHE A 8 -0.67 0.91 -0.02
CA PHE A 8 -1.75 1.80 0.45
C PHE A 8 -1.29 3.21 0.94
N LEU A 9 -0.43 3.25 1.97
CA LEU A 9 0.23 4.52 2.41
C LEU A 9 0.93 5.34 1.28
N GLY A 10 1.67 4.71 0.36
CA GLY A 10 2.19 5.39 -0.85
C GLY A 10 1.20 6.12 -1.80
N ARG A 11 0.08 5.47 -2.14
CA ARG A 11 -1.05 6.15 -2.84
C ARG A 11 -1.79 7.27 -2.03
N ILE A 12 -2.28 6.97 -0.83
CA ILE A 12 -2.90 7.96 0.10
C ILE A 12 -1.95 9.15 0.52
N LEU A 13 -0.63 8.91 0.67
CA LEU A 13 0.42 9.96 0.82
C LEU A 13 0.31 11.19 -0.15
N NH2 A 14 0.14 11.01 -1.44
HN1 NH2 A 14 -0.16 11.87 -1.90
HN2 NH2 A 14 -0.13 10.05 -1.67
N PHE A 1 -3.16 -12.33 -4.83
CA PHE A 1 -2.99 -10.94 -4.34
C PHE A 1 -1.81 -10.82 -3.33
N VAL A 2 -1.18 -9.64 -3.24
CA VAL A 2 -0.14 -9.38 -2.22
C VAL A 2 -0.69 -8.43 -1.08
C PH6 A 3 0.26 -6.48 1.33
O PH6 A 3 1.34 -6.46 1.93
CA PH6 A 3 -0.69 -7.72 1.32
CB PH6 A 3 -0.54 -8.59 2.57
CG PH6 A 3 0.46 -9.72 2.19
CD PH6 A 3 0.29 -9.88 0.69
N PH6 A 3 -0.38 -8.66 0.23
C1 PH6 A 3 0.32 -11.03 2.99
C6 PH6 A 3 -1.11 -11.68 2.87
C5 PH6 A 3 -1.22 -13.00 3.64
C4 PH6 A 3 -0.14 -13.99 3.16
C3 PH6 A 3 1.28 -13.40 3.33
C2 PH6 A 3 1.42 -12.06 2.56
HA PH6 A 3 -1.75 -7.38 1.28
HB2 PH6 A 3 -1.53 -8.98 2.86
HB3 PH6 A 3 -0.18 -8.04 3.45
HG2 PH6 A 3 1.48 -9.30 2.37
HD2 PH6 A 3 -0.33 -10.76 0.41
HD3 PH6 A 3 1.28 -10.04 0.23
H1 PH6 A 3 0.49 -10.79 4.06
H61 PH6 A 3 -1.90 -11.00 3.23
H62 PH6 A 3 -1.38 -11.88 1.81
H21 PH6 A 3 2.42 -11.64 2.72
H22 PH6 A 3 1.35 -12.28 1.47
H51 PH6 A 3 -2.24 -13.42 3.51
H52 PH6 A 3 -1.11 -12.80 4.72
H41 PH6 A 3 -0.23 -14.94 3.72
H42 PH6 A 3 -0.32 -14.25 2.10
H31 PH6 A 3 2.04 -14.12 2.98
H32 PH6 A 3 1.50 -13.22 4.40
N TRP A 4 -0.18 -5.44 0.62
CA TRP A 4 0.56 -4.18 0.57
C TRP A 4 0.29 -3.31 1.83
N PHE A 5 1.33 -3.16 2.65
CA PHE A 5 1.25 -2.39 3.92
C PHE A 5 1.68 -0.91 3.67
N SER A 6 2.95 -0.72 3.23
CA SER A 6 3.48 0.59 2.81
C SER A 6 3.05 1.06 1.40
N LYS A 7 3.02 0.17 0.39
CA LYS A 7 2.49 0.47 -0.97
C LYS A 7 1.04 1.09 -1.06
N PHE A 8 0.12 0.60 -0.21
CA PHE A 8 -1.18 1.28 0.05
C PHE A 8 -1.07 2.72 0.60
N LEU A 9 -0.45 2.90 1.79
CA LEU A 9 -0.12 4.24 2.34
C LEU A 9 0.62 5.20 1.36
N GLY A 10 1.62 4.74 0.60
CA GLY A 10 2.26 5.55 -0.48
C GLY A 10 1.37 6.08 -1.62
N ARG A 11 0.47 5.25 -2.17
CA ARG A 11 -0.63 5.74 -3.06
C ARG A 11 -1.68 6.70 -2.43
N ILE A 12 -2.32 6.28 -1.33
CA ILE A 12 -3.29 7.14 -0.57
C ILE A 12 -2.66 8.47 0.02
N LEU A 13 -1.38 8.47 0.43
CA LEU A 13 -0.59 9.69 0.77
C LEU A 13 -0.72 10.90 -0.21
N NH2 A 14 -0.60 10.73 -1.51
HN1 NH2 A 14 -0.96 11.53 -2.02
HN2 NH2 A 14 -0.65 9.73 -1.78
N PHE A 1 -3.13 -12.44 -4.69
CA PHE A 1 -3.06 -11.05 -4.17
C PHE A 1 -1.87 -10.89 -3.18
N VAL A 2 -1.18 -9.75 -3.19
CA VAL A 2 -0.14 -9.44 -2.18
C VAL A 2 -0.67 -8.43 -1.09
C PH6 A 3 0.27 -6.38 1.22
O PH6 A 3 1.35 -6.34 1.83
CA PH6 A 3 -0.69 -7.59 1.27
CB PH6 A 3 -0.56 -8.41 2.56
CG PH6 A 3 0.41 -9.55 2.26
CD PH6 A 3 0.26 -9.80 0.75
N PH6 A 3 -0.39 -8.60 0.23
C1 PH6 A 3 0.25 -10.83 3.11
C6 PH6 A 3 -1.18 -11.46 3.01
C5 PH6 A 3 -1.31 -12.74 3.86
C4 PH6 A 3 -0.24 -13.76 3.44
C3 PH6 A 3 1.19 -13.18 3.59
C2 PH6 A 3 1.35 -11.88 2.76
HA PH6 A 3 -1.74 -7.25 1.19
HB2 PH6 A 3 -1.56 -8.77 2.86
HB3 PH6 A 3 -0.22 -7.80 3.41
HG2 PH6 A 3 1.44 -9.15 2.41
HD2 PH6 A 3 -0.36 -10.68 0.53
HD3 PH6 A 3 1.25 -9.99 0.31
H1 PH6 A 3 0.42 -10.53 4.17
H61 PH6 A 3 -1.96 -10.76 3.33
H62 PH6 A 3 -1.44 -11.72 1.97
H21 PH6 A 3 2.36 -11.47 2.90
H22 PH6 A 3 1.30 -12.15 1.69
H51 PH6 A 3 -2.32 -13.16 3.74
H52 PH6 A 3 -1.21 -12.48 4.93
H41 PH6 A 3 -0.34 -14.69 4.04
H42 PH6 A 3 -0.40 -14.08 2.39
H31 PH6 A 3 1.95 -13.93 3.29
H32 PH6 A 3 1.40 -12.95 4.65
N TRP A 4 -0.15 -5.37 0.47
CA TRP A 4 0.62 -4.11 0.36
C TRP A 4 0.36 -3.20 1.59
N PHE A 5 1.32 -3.14 2.49
CA PHE A 5 1.21 -2.35 3.75
C PHE A 5 1.65 -0.87 3.49
N SER A 6 2.95 -0.66 3.26
CA SER A 6 3.51 0.65 2.83
C SER A 6 3.10 1.09 1.39
N LYS A 7 3.08 0.19 0.40
CA LYS A 7 2.51 0.47 -0.96
C LYS A 7 1.07 1.08 -1.03
N PHE A 8 0.16 0.62 -0.17
CA PHE A 8 -1.16 1.27 0.07
C PHE A 8 -1.05 2.71 0.63
N LEU A 9 -0.46 2.89 1.83
CA LEU A 9 -0.13 4.22 2.38
C LEU A 9 0.59 5.21 1.41
N GLY A 10 1.61 4.76 0.65
CA GLY A 10 2.22 5.56 -0.44
C GLY A 10 1.32 6.11 -1.58
N ARG A 11 0.43 5.27 -2.11
CA ARG A 11 -0.65 5.72 -3.06
C ARG A 11 -1.73 6.67 -2.44
N ILE A 12 -2.37 6.24 -1.34
CA ILE A 12 -3.34 7.09 -0.56
C ILE A 12 -2.73 8.42 0.01
N LEU A 13 -1.43 8.43 0.40
CA LEU A 13 -0.67 9.65 0.79
C LEU A 13 -0.82 10.89 -0.17
N NH2 A 14 -0.32 10.84 -1.39
HN1 NH2 A 14 -0.61 11.63 -1.97
HN2 NH2 A 14 0.05 9.92 -1.67
N PHE A 1 -3.32 -12.52 -4.48
CA PHE A 1 -2.88 -11.10 -4.31
C PHE A 1 -1.70 -10.97 -3.30
N VAL A 2 -1.07 -9.78 -3.22
CA VAL A 2 -0.07 -9.48 -2.17
C VAL A 2 -0.64 -8.46 -1.10
C PH6 A 3 0.26 -6.41 1.22
O PH6 A 3 1.34 -6.39 1.81
CA PH6 A 3 -0.70 -7.62 1.26
CB PH6 A 3 -0.60 -8.43 2.55
CG PH6 A 3 0.37 -9.58 2.27
CD PH6 A 3 0.25 -9.83 0.77
N PH6 A 3 -0.38 -8.63 0.22
C1 PH6 A 3 0.19 -10.86 3.12
C6 PH6 A 3 -1.25 -11.48 3.00
C5 PH6 A 3 -1.40 -12.76 3.83
C4 PH6 A 3 -0.33 -13.79 3.44
C3 PH6 A 3 1.10 -13.21 3.62
C2 PH6 A 3 1.28 -11.92 2.79
HA PH6 A 3 -1.76 -7.27 1.16
HB2 PH6 A 3 -1.60 -8.77 2.84
HB3 PH6 A 3 -0.26 -7.81 3.41
HG2 PH6 A 3 1.40 -9.19 2.44
HD2 PH6 A 3 -0.37 -10.71 0.52
HD3 PH6 A 3 1.25 -10.03 0.34
H1 PH6 A 3 0.33 -10.56 4.18
H61 PH6 A 3 -2.03 -10.77 3.30
H62 PH6 A 3 -1.48 -11.74 1.95
H21 PH6 A 3 2.30 -11.51 2.95
H22 PH6 A 3 1.25 -12.19 1.71
H51 PH6 A 3 -2.42 -13.17 3.69
H52 PH6 A 3 -1.32 -12.50 4.91
H41 PH6 A 3 -0.45 -14.71 4.04
H42 PH6 A 3 -0.48 -14.10 2.39
H31 PH6 A 3 1.86 -13.97 3.33
H32 PH6 A 3 1.29 -13.00 4.68
N TRP A 4 -0.17 -5.37 0.48
CA TRP A 4 0.59 -4.12 0.39
C TRP A 4 0.30 -3.21 1.62
N PHE A 5 1.27 -3.15 2.54
CA PHE A 5 1.14 -2.35 3.79
C PHE A 5 1.61 -0.87 3.53
N SER A 6 2.91 -0.70 3.24
CA SER A 6 3.49 0.59 2.79
C SER A 6 3.05 1.07 1.39
N LYS A 7 2.98 0.17 0.38
CA LYS A 7 2.43 0.48 -0.97
C LYS A 7 1.00 1.12 -1.03
N PHE A 8 0.08 0.64 -0.18
CA PHE A 8 -1.22 1.31 0.09
C PHE A 8 -1.09 2.75 0.65
N LEU A 9 -0.47 2.91 1.82
CA LEU A 9 -0.11 4.23 2.37
C LEU A 9 0.60 5.20 1.39
N GLY A 10 1.60 4.75 0.62
CA GLY A 10 2.23 5.55 -0.47
C GLY A 10 1.32 6.11 -1.60
N ARG A 11 0.41 5.28 -2.14
CA ARG A 11 -0.67 5.76 -3.06
C ARG A 11 -1.73 6.71 -2.42
N ILE A 12 -2.36 6.30 -1.31
CA ILE A 12 -3.31 7.16 -0.52
C ILE A 12 -2.68 8.49 0.05
N LEU A 13 -1.39 8.48 0.45
CA LEU A 13 -0.60 9.68 0.82
C LEU A 13 -0.74 10.91 -0.14
N NH2 A 14 -0.28 10.85 -1.37
HN1 NH2 A 14 -0.56 11.64 -1.95
HN2 NH2 A 14 0.05 9.92 -1.66
N PHE A 1 -3.38 -12.97 -4.02
CA PHE A 1 -2.95 -11.54 -4.06
C PHE A 1 -1.75 -11.26 -3.11
N VAL A 2 -1.01 -10.17 -3.33
CA VAL A 2 0.03 -9.71 -2.37
C VAL A 2 -0.54 -8.64 -1.36
C PH6 A 3 0.31 -6.37 0.77
O PH6 A 3 1.55 -6.40 0.90
CA PH6 A 3 -0.58 -7.64 0.94
CB PH6 A 3 -0.34 -8.36 2.27
CG PH6 A 3 0.71 -9.44 2.00
CD PH6 A 3 0.43 -9.86 0.57
N PH6 A 3 -0.25 -8.71 -0.04
C1 PH6 A 3 0.83 -11.38 5.42
C6 PH6 A 3 0.88 -10.23 4.40
C5 PH6 A 3 0.68 -10.68 2.95
C4 PH6 A 3 1.78 -11.74 2.60
C3 PH6 A 3 1.73 -12.92 3.59
C2 PH6 A 3 1.90 -12.43 5.05
HA PH6 A 3 -1.65 -7.37 0.86
HB2 PH6 A 3 -1.29 -8.81 2.63
HB3 PH6 A 3 -0.02 -7.66 3.07
HG2 PH6 A 3 1.72 -8.96 2.04
HD2 PH6 A 3 -0.23 -10.75 0.52
HD3 PH6 A 3 1.39 -10.12 0.08
H1 PH6 A 3 -0.18 -11.83 5.43
H61 PH6 A 3 0.12 -9.48 4.68
H62 PH6 A 3 1.88 -9.76 4.45
H21 PH6 A 3 2.91 -11.99 5.18
H22 PH6 A 3 1.00 -10.98 6.44
H51 PH6 A 3 -0.31 -11.15 2.86
H52 PH6 A 3 1.65 -12.12 1.57
H41 PH6 A 3 2.78 -11.27 2.62
H42 PH6 A 3 2.52 -13.67 3.35
H31 PH6 A 3 0.77 -13.45 3.49
H32 PH6 A 3 1.87 -13.28 5.76
N TRP A 4 -0.34 -5.25 0.48
CA TRP A 4 0.34 -3.95 0.32
C TRP A 4 0.16 -3.11 1.61
N PHE A 5 1.20 -3.09 2.45
CA PHE A 5 1.16 -2.34 3.74
C PHE A 5 1.59 -0.85 3.52
N SER A 6 2.88 -0.67 3.21
CA SER A 6 3.45 0.64 2.83
C SER A 6 3.06 1.12 1.40
N LYS A 7 3.04 0.21 0.38
CA LYS A 7 2.44 0.51 -0.95
C LYS A 7 1.02 1.17 -0.99
N PHE A 8 0.10 0.70 -0.13
CA PHE A 8 -1.20 1.39 0.10
C PHE A 8 -1.08 2.82 0.68
N LEU A 9 -0.47 2.97 1.87
CA LEU A 9 -0.13 4.30 2.42
C LEU A 9 0.62 5.26 1.44
N GLY A 10 1.62 4.81 0.68
CA GLY A 10 2.26 5.60 -0.40
C GLY A 10 1.36 6.16 -1.54
N ARG A 11 0.45 5.34 -2.09
CA ARG A 11 -0.61 5.83 -3.02
C ARG A 11 -1.68 6.78 -2.40
N ILE A 12 -2.33 6.37 -1.29
CA ILE A 12 -3.28 7.23 -0.53
C ILE A 12 -2.65 8.55 0.06
N LEU A 13 -1.37 8.53 0.46
CA LEU A 13 -0.58 9.74 0.85
C LEU A 13 -0.70 10.97 -0.12
N NH2 A 14 -0.31 10.86 -1.38
HN1 NH2 A 14 -0.12 9.89 -1.67
HN2 NH2 A 14 -0.63 11.64 -1.95
N PHE A 1 -3.38 -12.35 -4.56
CA PHE A 1 -3.23 -10.93 -4.14
C PHE A 1 -2.01 -10.78 -3.18
N VAL A 2 -1.25 -9.68 -3.29
CA VAL A 2 -0.17 -9.37 -2.32
C VAL A 2 -0.67 -8.41 -1.16
C PH6 A 3 0.34 -6.41 1.15
O PH6 A 3 1.48 -6.37 1.64
CA PH6 A 3 -0.58 -7.65 1.23
CB PH6 A 3 -0.34 -8.50 2.48
CG PH6 A 3 0.63 -9.62 2.07
CD PH6 A 3 0.39 -9.82 0.57
N PH6 A 3 -0.30 -8.61 0.13
C1 PH6 A 3 -0.94 -12.91 3.65
C6 PH6 A 3 0.14 -13.89 3.13
C5 PH6 A 3 1.55 -13.28 3.23
C4 PH6 A 3 1.64 -11.96 2.44
C3 PH6 A 3 0.54 -10.94 2.89
C2 PH6 A 3 -0.88 -11.60 2.84
HA PH6 A 3 -1.64 -7.35 1.22
HB2 PH6 A 3 -1.32 -8.89 2.83
HB3 PH6 A 3 0.03 -7.91 3.33
HG2 PH6 A 3 1.66 -9.20 2.19
HD2 PH6 A 3 -0.22 -10.71 0.35
HD3 PH6 A 3 1.37 -9.98 0.07
H1 PH6 A 3 -0.79 -12.69 4.72
H61 PH6 A 3 0.08 -14.84 3.71
H62 PH6 A 3 -0.09 -14.17 2.09
H21 PH6 A 3 -1.18 -11.82 1.81
H22 PH6 A 3 -1.95 -13.34 3.56
H51 PH6 A 3 2.31 -14.00 2.86
H52 PH6 A 3 1.81 -13.09 4.29
H41 PH6 A 3 2.65 -11.51 2.54
H42 PH6 A 3 1.53 -12.19 1.36
H31 PH6 A 3 0.75 -10.67 3.95
H32 PH6 A 3 -1.66 -10.92 3.23
N TRP A 4 -0.17 -5.37 0.51
CA TRP A 4 0.52 -4.07 0.43
C TRP A 4 0.29 -3.25 1.73
N PHE A 5 1.36 -3.10 2.51
CA PHE A 5 1.31 -2.37 3.81
C PHE A 5 1.70 -0.87 3.56
N SER A 6 3.00 -0.64 3.29
CA SER A 6 3.55 0.68 2.92
C SER A 6 3.20 1.16 1.48
N LYS A 7 3.22 0.27 0.47
CA LYS A 7 2.69 0.57 -0.89
C LYS A 7 1.23 1.15 -0.97
N PHE A 8 0.31 0.61 -0.16
CA PHE A 8 -1.05 1.20 0.04
C PHE A 8 -1.03 2.65 0.60
N LEU A 9 -0.45 2.84 1.80
CA LEU A 9 -0.18 4.19 2.36
C LEU A 9 0.54 5.19 1.41
N GLY A 10 1.59 4.78 0.68
CA GLY A 10 2.22 5.60 -0.38
C GLY A 10 1.35 6.12 -1.55
N ARG A 11 0.50 5.27 -2.12
CA ARG A 11 -0.56 5.72 -3.08
C ARG A 11 -1.69 6.62 -2.49
N ILE A 12 -2.36 6.17 -1.41
CA ILE A 12 -3.38 6.98 -0.67
C ILE A 12 -2.82 8.34 -0.07
N LEU A 13 -1.55 8.39 0.37
CA LEU A 13 -0.82 9.62 0.78
C LEU A 13 -0.98 10.85 -0.18
N NH2 A 14 -0.41 10.84 -1.36
HN1 NH2 A 14 -0.66 11.64 -1.94
HN2 NH2 A 14 0.09 9.98 -1.61
N PHE A 1 -2.91 -13.54 -3.94
CA PHE A 1 -2.48 -12.12 -4.00
C PHE A 1 -1.53 -11.75 -2.82
N VAL A 2 -0.61 -10.80 -3.02
CA VAL A 2 0.24 -10.27 -1.92
C VAL A 2 -0.45 -9.05 -1.17
C PH6 A 3 0.10 -6.57 0.82
O PH6 A 3 1.25 -6.61 1.26
CA PH6 A 3 -0.89 -7.76 0.93
CB PH6 A 3 -1.00 -8.28 2.36
CG PH6 A 3 -0.04 -9.48 2.47
CD PH6 A 3 0.07 -10.03 1.04
N PH6 A 3 -0.42 -8.96 0.18
C1 PH6 A 3 -0.42 -10.57 3.52
C6 PH6 A 3 -1.83 -11.20 3.27
C5 PH6 A 3 -2.18 -12.29 4.31
C4 PH6 A 3 -1.09 -13.38 4.31
C3 PH6 A 3 0.32 -12.78 4.61
C2 PH6 A 3 0.68 -11.68 3.59
HA PH6 A 3 -1.90 -7.48 0.59
HB2 PH6 A 3 -2.05 -8.56 2.56
HB3 PH6 A 3 -0.77 -7.51 3.11
HG2 PH6 A 3 0.96 -9.08 2.73
HD2 PH6 A 3 -0.54 -10.93 0.88
HD3 PH6 A 3 1.12 -10.31 0.85
H1 PH6 A 3 -0.44 -10.07 4.50
H61 PH6 A 3 -2.63 -10.44 3.29
H62 PH6 A 3 -1.90 -11.66 2.27
H21 PH6 A 3 1.66 -11.25 3.84
H22 PH6 A 3 0.81 -12.16 2.60
H51 PH6 A 3 -3.16 -12.72 4.07
H52 PH6 A 3 -2.27 -11.83 5.31
H41 PH6 A 3 -1.34 -14.16 5.05
H42 PH6 A 3 -1.07 -13.89 3.33
H31 PH6 A 3 1.08 -13.57 4.61
H32 PH6 A 3 0.33 -12.35 5.64
N TRP A 4 -0.40 -5.49 0.23
CA TRP A 4 0.39 -4.24 0.07
C TRP A 4 0.04 -3.22 1.19
N PHE A 5 0.95 -3.09 2.18
CA PHE A 5 0.73 -2.19 3.35
C PHE A 5 1.32 -0.76 3.08
N SER A 6 2.66 -0.66 3.01
CA SER A 6 3.38 0.57 2.53
C SER A 6 2.91 1.10 1.14
N LYS A 7 2.79 0.23 0.13
CA LYS A 7 2.17 0.60 -1.18
C LYS A 7 0.78 1.31 -1.17
N PHE A 8 -0.12 0.88 -0.28
CA PHE A 8 -1.36 1.61 0.08
C PHE A 8 -1.14 3.01 0.68
N LEU A 9 -0.47 3.10 1.84
CA LEU A 9 -0.03 4.40 2.43
C LEU A 9 0.72 5.37 1.45
N GLY A 10 1.66 4.88 0.62
CA GLY A 10 2.29 5.68 -0.46
C GLY A 10 1.39 6.33 -1.53
N ARG A 11 0.41 5.58 -2.08
CA ARG A 11 -0.68 6.17 -2.91
C ARG A 11 -1.65 7.15 -2.18
N ILE A 12 -2.27 6.73 -1.07
CA ILE A 12 -3.15 7.60 -0.23
C ILE A 12 -2.41 8.87 0.37
N LEU A 13 -1.12 8.77 0.73
CA LEU A 13 -0.25 9.93 1.08
C LEU A 13 -0.35 11.18 0.15
N NH2 A 14 -0.13 11.07 -1.15
HN1 NH2 A 14 -0.46 11.90 -1.67
HN2 NH2 A 14 -0.10 10.10 -1.47
N PHE A 1 -3.51 -12.36 -4.30
CA PHE A 1 -2.94 -10.98 -4.26
C PHE A 1 -1.81 -10.85 -3.20
N VAL A 2 -0.99 -9.78 -3.28
CA VAL A 2 -0.01 -9.47 -2.21
C VAL A 2 -0.58 -8.45 -1.15
C PH6 A 3 0.28 -6.40 1.19
O PH6 A 3 1.33 -6.37 1.84
CA PH6 A 3 -0.69 -7.61 1.21
CB PH6 A 3 -0.61 -8.43 2.51
CG PH6 A 3 0.37 -9.58 2.23
CD PH6 A 3 0.27 -9.83 0.72
N PH6 A 3 -0.35 -8.62 0.17
C1 PH6 A 3 -1.43 -12.76 3.76
C6 PH6 A 3 -0.35 -13.79 3.37
C5 PH6 A 3 1.08 -13.22 3.58
C4 PH6 A 3 1.27 -11.93 2.76
C3 PH6 A 3 0.17 -10.86 3.08
C2 PH6 A 3 -1.26 -11.48 2.93
HA PH6 A 3 -1.74 -7.27 1.08
HB2 PH6 A 3 -1.63 -8.78 2.76
HB3 PH6 A 3 -0.28 -7.83 3.36
HG2 PH6 A 3 1.39 -9.18 2.42
HD2 PH6 A 3 -0.34 -10.70 0.47
HD3 PH6 A 3 1.28 -10.02 0.31
H1 PH6 A 3 -1.37 -12.51 4.83
H61 PH6 A 3 -0.48 -14.72 3.97
H62 PH6 A 3 -0.49 -14.10 2.32
H21 PH6 A 3 -1.48 -11.74 1.88
H22 PH6 A 3 -2.44 -13.17 3.59
H51 PH6 A 3 1.84 -13.97 3.30
H52 PH6 A 3 1.24 -13.00 4.65
H41 PH6 A 3 2.29 -11.50 2.94
H42 PH6 A 3 1.26 -12.18 1.69
H31 PH6 A 3 0.30 -10.57 4.14
H32 PH6 A 3 -2.05 -10.76 3.22
N TRP A 4 -0.11 -5.39 0.43
CA TRP A 4 0.65 -4.13 0.36
C TRP A 4 0.33 -3.26 1.60
N PHE A 5 1.29 -3.19 2.52
CA PHE A 5 1.13 -2.39 3.78
C PHE A 5 1.57 -0.90 3.52
N SER A 6 2.87 -0.72 3.26
CA SER A 6 3.46 0.59 2.89
C SER A 6 3.11 1.06 1.44
N LYS A 7 3.11 0.16 0.43
CA LYS A 7 2.56 0.46 -0.92
C LYS A 7 1.13 1.09 -0.99
N PHE A 8 0.19 0.59 -0.17
CA PHE A 8 -1.13 1.22 0.02
C PHE A 8 -1.06 2.68 0.55
N LEU A 9 -0.50 2.88 1.77
CA LEU A 9 -0.18 4.22 2.31
C LEU A 9 0.56 5.20 1.35
N GLY A 10 1.57 4.74 0.59
CA GLY A 10 2.21 5.54 -0.49
C GLY A 10 1.30 6.13 -1.60
N ARG A 11 0.42 5.30 -2.19
CA ARG A 11 -0.68 5.80 -3.07
C ARG A 11 -1.75 6.73 -2.41
N ILE A 12 -2.34 6.30 -1.28
CA ILE A 12 -3.29 7.15 -0.48
C ILE A 12 -2.69 8.48 0.08
N LEU A 13 -1.40 8.49 0.46
CA LEU A 13 -0.63 9.72 0.82
C LEU A 13 -0.75 10.90 -0.20
N NH2 A 14 -0.32 10.77 -1.44
HN1 NH2 A 14 -0.62 11.53 -2.05
HN2 NH2 A 14 -0.07 9.81 -1.68
N PHE A 1 -2.46 -13.44 -4.05
CA PHE A 1 -1.74 -12.13 -4.09
C PHE A 1 -1.06 -11.81 -2.73
N VAL A 2 -0.01 -10.98 -2.73
CA VAL A 2 0.59 -10.46 -1.47
C VAL A 2 -0.22 -9.23 -0.88
C PH6 A 3 -0.12 -6.76 1.20
O PH6 A 3 0.61 -6.60 2.18
CA PH6 A 3 -1.12 -7.94 1.08
CB PH6 A 3 -1.58 -8.48 2.43
CG PH6 A 3 -0.67 -9.68 2.75
CD PH6 A 3 -0.25 -10.22 1.39
N PH6 A 3 -0.52 -9.14 0.44
C1 PH6 A 3 -3.18 -12.45 4.07
C6 PH6 A 3 -2.12 -13.55 4.30
C5 PH6 A 3 -0.82 -12.97 4.91
C4 PH6 A 3 -0.23 -11.88 4.00
C3 PH6 A 3 -1.28 -10.75 3.69
C2 PH6 A 3 -2.60 -11.37 3.13
HA PH6 A 3 -2.02 -7.61 0.51
HB2 PH6 A 3 -2.65 -8.75 2.36
HB3 PH6 A 3 -1.54 -7.72 3.23
HG2 PH6 A 3 0.25 -9.26 3.24
HD2 PH6 A 3 -0.81 -11.12 1.08
HD3 PH6 A 3 0.82 -10.52 1.43
H1 PH6 A 3 -3.49 -11.98 5.02
H61 PH6 A 3 -2.53 -14.33 4.97
H62 PH6 A 3 -1.90 -14.07 3.35
H21 PH6 A 3 -2.45 -11.83 2.14
H22 PH6 A 3 -4.10 -12.87 3.62
H51 PH6 A 3 -0.08 -13.77 5.08
H52 PH6 A 3 -1.03 -12.54 5.92
H41 PH6 A 3 0.68 -11.45 4.45
H42 PH6 A 3 0.12 -12.36 3.07
H31 PH6 A 3 -1.50 -10.25 4.64
H32 PH6 A 3 -3.38 -10.61 2.98
N TRP A 4 -0.12 -5.92 0.16
CA TRP A 4 0.76 -4.75 0.13
C TRP A 4 0.15 -3.56 0.94
N PHE A 5 0.69 -3.35 2.14
CA PHE A 5 0.22 -2.29 3.07
C PHE A 5 0.88 -0.91 2.78
N SER A 6 2.22 -0.87 2.72
CA SER A 6 2.99 0.30 2.20
C SER A 6 2.55 0.88 0.81
N LYS A 7 2.21 0.04 -0.18
CA LYS A 7 1.50 0.50 -1.42
C LYS A 7 0.22 1.37 -1.23
N PHE A 8 -0.65 1.00 -0.27
CA PHE A 8 -1.78 1.86 0.16
C PHE A 8 -1.33 3.24 0.73
N LEU A 9 -0.55 3.26 1.83
CA LEU A 9 0.08 4.49 2.35
C LEU A 9 0.82 5.39 1.32
N GLY A 10 1.60 4.81 0.39
CA GLY A 10 2.19 5.56 -0.76
C GLY A 10 1.24 6.36 -1.68
N ARG A 11 0.14 5.75 -2.12
CA ARG A 11 -0.96 6.48 -2.82
C ARG A 11 -1.72 7.54 -1.97
N ILE A 12 -2.19 7.18 -0.77
CA ILE A 12 -2.84 8.12 0.19
C ILE A 12 -1.93 9.29 0.71
N LEU A 13 -0.63 9.06 0.89
CA LEU A 13 0.40 10.10 1.13
C LEU A 13 0.34 11.34 0.18
N NH2 A 14 0.48 11.18 -1.13
HN1 NH2 A 14 0.22 12.02 -1.66
HN2 NH2 A 14 0.44 10.20 -1.44
N PHE A 1 -2.42 -13.50 -4.21
CA PHE A 1 -2.17 -12.03 -4.10
C PHE A 1 -1.31 -11.73 -2.83
N VAL A 2 -0.33 -10.83 -2.92
CA VAL A 2 0.42 -10.37 -1.73
C VAL A 2 -0.37 -9.25 -0.93
C PH6 A 3 -0.04 -6.93 1.30
O PH6 A 3 0.83 -6.79 2.14
CA PH6 A 3 -0.98 -8.17 1.25
CB PH6 A 3 -1.17 -8.84 2.61
CG PH6 A 3 -0.14 -9.99 2.68
CD PH6 A 3 0.09 -10.39 1.22
N PH6 A 3 -0.42 -9.27 0.43
C1 PH6 A 3 -2.20 -13.04 4.14
C6 PH6 A 3 -1.05 -14.08 4.11
C5 PH6 A 3 0.29 -13.43 4.55
C4 PH6 A 3 0.65 -12.22 3.64
C3 PH6 A 3 -0.51 -11.17 3.61
C2 PH6 A 3 -1.87 -11.86 3.22
HA PH6 A 3 -1.99 -7.87 0.87
HB2 PH6 A 3 -2.21 -9.20 2.68
HB3 PH6 A 3 -1.07 -8.14 3.46
HG2 PH6 A 3 0.81 -9.53 3.05
HD2 PH6 A 3 -0.46 -11.31 0.94
HD3 PH6 A 3 1.15 -10.60 1.06
H1 PH6 A 3 -2.37 -12.67 5.17
H61 PH6 A 3 -1.30 -14.93 4.77
H62 PH6 A 3 -0.95 -14.50 3.09
H21 PH6 A 3 -1.86 -12.23 2.19
H22 PH6 A 3 -3.16 -13.50 3.82
H51 PH6 A 3 1.10 -14.18 4.53
H52 PH6 A 3 0.22 -13.09 5.60
H41 PH6 A 3 1.59 -11.76 4.00
H42 PH6 A 3 0.86 -12.60 2.63
H31 PH6 A 3 -0.61 -10.76 4.63
H32 PH6 A 3 -2.71 -11.14 3.26
N TRP A 4 -0.26 -6.05 0.33
CA TRP A 4 0.50 -4.78 0.26
C TRP A 4 -0.05 -3.71 1.24
N PHE A 5 0.85 -3.19 2.08
CA PHE A 5 0.48 -2.24 3.17
C PHE A 5 1.08 -0.83 2.87
N SER A 6 2.43 -0.73 2.80
CA SER A 6 3.15 0.50 2.34
C SER A 6 2.71 1.07 0.96
N LYS A 7 2.46 0.22 -0.04
CA LYS A 7 1.83 0.60 -1.33
C LYS A 7 0.45 1.35 -1.27
N PHE A 8 -0.43 0.90 -0.36
CA PHE A 8 -1.64 1.68 0.04
C PHE A 8 -1.34 3.09 0.62
N LEU A 9 -0.58 3.15 1.74
CA LEU A 9 -0.11 4.44 2.31
C LEU A 9 0.64 5.36 1.31
N GLY A 10 1.59 4.86 0.50
CA GLY A 10 2.23 5.63 -0.60
C GLY A 10 1.34 6.38 -1.61
N ARG A 11 0.27 5.72 -2.10
CA ARG A 11 -0.82 6.41 -2.86
C ARG A 11 -1.66 7.47 -2.09
N ILE A 12 -2.23 7.09 -0.92
CA ILE A 12 -2.94 8.05 -0.03
C ILE A 12 -2.06 9.25 0.50
N LEU A 13 -0.76 9.04 0.73
CA LEU A 13 0.22 10.10 1.07
C LEU A 13 0.53 11.09 -0.11
N NH2 A 14 -0.40 11.96 -0.45
HN1 NH2 A 14 -0.17 12.43 -1.33
HN2 NH2 A 14 -1.32 11.69 -0.10
N PHE A 1 -2.17 -12.76 -4.82
CA PHE A 1 -1.89 -11.33 -4.54
C PHE A 1 -0.88 -11.16 -3.36
N VAL A 2 -0.07 -10.10 -3.39
CA VAL A 2 0.83 -9.77 -2.25
C VAL A 2 0.11 -8.83 -1.20
C PH6 A 3 0.72 -6.87 1.29
O PH6 A 3 1.64 -6.76 2.11
CA PH6 A 3 -0.19 -8.11 1.20
CB PH6 A 3 -0.15 -8.97 2.47
CG PH6 A 3 0.91 -10.06 2.20
CD PH6 A 3 0.93 -10.24 0.69
N PH6 A 3 0.26 -9.06 0.14
C1 PH6 A 3 0.72 -11.39 2.98
C6 PH6 A 3 -0.66 -12.08 2.68
C5 PH6 A 3 -0.82 -13.41 3.44
C4 PH6 A 3 0.34 -14.36 3.10
C3 PH6 A 3 1.72 -13.71 3.44
C2 PH6 A 3 1.90 -12.37 2.69
HA PH6 A 3 -1.24 -7.80 1.02
HB2 PH6 A 3 -1.15 -9.38 2.64
HB3 PH6 A 3 0.09 -8.39 3.38
HG2 PH6 A 3 1.89 -9.62 2.48
HD2 PH6 A 3 0.40 -11.15 0.34
HD3 PH6 A 3 1.97 -10.35 0.34
H1 PH6 A 3 0.75 -11.14 4.05
H61 PH6 A 3 -1.51 -11.42 2.93
H62 PH6 A 3 -0.79 -12.29 1.60
H21 PH6 A 3 2.87 -11.91 2.97
H22 PH6 A 3 1.98 -12.58 1.61
H51 PH6 A 3 -1.79 -13.86 3.18
H52 PH6 A 3 -0.85 -13.20 4.52
H41 PH6 A 3 0.22 -15.31 3.64
H42 PH6 A 3 0.32 -14.62 2.03
H31 PH6 A 3 2.55 -14.40 3.19
H32 PH6 A 3 1.79 -13.53 4.53
N TRP A 4 0.45 -5.89 0.41
CA TRP A 4 1.19 -4.62 0.44
C TRP A 4 0.73 -3.77 1.67
N PHE A 5 1.62 -3.65 2.65
CA PHE A 5 1.39 -2.82 3.86
C PHE A 5 1.38 -1.28 3.55
N SER A 6 2.38 -0.82 2.79
CA SER A 6 2.38 0.55 2.20
C SER A 6 1.58 0.68 0.85
N LYS A 7 0.46 -0.02 0.68
CA LYS A 7 -0.43 0.13 -0.51
C LYS A 7 -1.48 1.29 -0.38
N PHE A 8 -2.26 1.25 0.72
CA PHE A 8 -3.13 2.38 1.13
C PHE A 8 -2.38 3.70 1.47
N LEU A 9 -1.34 3.60 2.32
CA LEU A 9 -0.41 4.74 2.55
C LEU A 9 0.41 5.17 1.31
N GLY A 10 1.02 4.27 0.53
CA GLY A 10 1.78 4.64 -0.71
C GLY A 10 1.06 5.46 -1.81
N ARG A 11 -0.19 5.14 -2.10
CA ARG A 11 -1.09 6.02 -2.92
C ARG A 11 -1.44 7.41 -2.31
N ILE A 12 -2.03 7.44 -1.10
CA ILE A 12 -2.34 8.70 -0.37
C ILE A 12 -1.07 9.60 -0.06
N LEU A 13 0.10 9.00 0.23
CA LEU A 13 1.42 9.67 0.30
C LEU A 13 1.72 10.72 -0.83
N NH2 A 14 1.73 10.35 -2.09
HN1 NH2 A 14 1.72 11.15 -2.74
HN2 NH2 A 14 1.36 9.41 -2.25
N PHE A 1 -1.56 -13.93 -4.49
CA PHE A 1 -1.82 -12.57 -3.94
C PHE A 1 -0.57 -12.05 -3.16
N VAL A 2 -0.32 -10.74 -3.21
CA VAL A 2 0.75 -10.12 -2.38
C VAL A 2 0.14 -9.41 -1.11
C PH6 A 3 0.83 -7.21 1.15
O PH6 A 3 1.89 -6.81 1.61
CA PH6 A 3 0.35 -8.70 1.29
CB PH6 A 3 1.04 -9.47 2.42
CG PH6 A 3 2.31 -10.10 1.80
CD PH6 A 3 1.84 -10.45 0.39
N PH6 A 3 0.73 -9.52 0.11
C1 PH6 A 3 4.90 -12.90 4.05
C6 PH6 A 3 4.54 -13.25 2.58
C5 PH6 A 3 4.06 -12.00 1.82
C4 PH6 A 3 2.84 -11.33 2.56
C3 PH6 A 3 3.24 -10.97 4.02
C2 PH6 A 3 3.71 -12.24 4.77
HA PH6 A 3 -0.75 -8.72 1.46
HB2 PH6 A 3 0.36 -10.25 2.82
HB3 PH6 A 3 1.29 -8.81 3.27
HG2 PH6 A 3 3.09 -9.32 1.73
HD2 PH6 A 3 1.47 -11.50 0.33
HD3 PH6 A 3 2.68 -10.35 -0.30
H1 PH6 A 3 5.77 -12.21 4.05
H61 PH6 A 3 5.41 -13.71 2.06
H62 PH6 A 3 3.74 -14.02 2.55
H21 PH6 A 3 2.87 -12.95 4.86
H22 PH6 A 3 5.22 -13.81 4.59
H51 PH6 A 3 3.79 -12.28 0.79
H52 PH6 A 3 4.89 -11.27 1.72
H41 PH6 A 3 2.03 -12.08 2.59
H42 PH6 A 3 2.38 -10.53 4.55
H31 PH6 A 3 4.03 -10.21 4.02
H32 PH6 A 3 3.98 -11.97 5.82
N TRP A 4 0.00 -6.42 0.48
CA TRP A 4 0.26 -4.97 0.33
C TRP A 4 -0.03 -4.19 1.64
N PHE A 5 1.02 -3.57 2.18
CA PHE A 5 0.95 -2.79 3.45
C PHE A 5 1.05 -1.25 3.17
N SER A 6 2.13 -0.82 2.50
CA SER A 6 2.28 0.56 1.96
C SER A 6 1.54 0.84 0.60
N LYS A 7 0.40 0.18 0.32
CA LYS A 7 -0.45 0.49 -0.86
C LYS A 7 -1.42 1.68 -0.65
N PHE A 8 -2.26 1.59 0.40
CA PHE A 8 -3.14 2.71 0.83
C PHE A 8 -2.37 3.97 1.31
N LEU A 9 -1.38 3.80 2.19
CA LEU A 9 -0.43 4.88 2.53
C LEU A 9 0.46 5.37 1.36
N GLY A 10 1.06 4.50 0.51
CA GLY A 10 1.85 4.93 -0.67
C GLY A 10 1.19 5.85 -1.71
N ARG A 11 -0.08 5.59 -2.06
CA ARG A 11 -0.93 6.55 -2.83
C ARG A 11 -1.26 7.90 -2.13
N ILE A 12 -1.89 7.86 -0.95
CA ILE A 12 -2.18 9.08 -0.13
C ILE A 12 -0.91 9.91 0.28
N LEU A 13 0.24 9.26 0.54
CA LEU A 13 1.57 9.91 0.71
C LEU A 13 1.93 11.04 -0.32
N NH2 A 14 1.90 10.78 -1.62
HN1 NH2 A 14 1.91 11.64 -2.17
HN2 NH2 A 14 1.42 9.91 -1.84
N PHE A 1 -2.03 -13.88 -3.86
CA PHE A 1 -1.87 -12.40 -3.91
C PHE A 1 -0.64 -11.93 -3.06
N VAL A 2 -0.11 -10.72 -3.33
CA VAL A 2 0.91 -10.10 -2.46
C VAL A 2 0.27 -9.36 -1.22
C PH6 A 3 0.87 -7.20 1.12
O PH6 A 3 1.90 -6.79 1.66
CA PH6 A 3 0.39 -8.67 1.20
CB PH6 A 3 1.01 -9.44 2.38
CG PH6 A 3 2.23 -10.18 1.80
CD PH6 A 3 1.90 -10.41 0.33
N PH6 A 3 0.81 -9.48 0.03
C1 PH6 A 3 1.95 -13.83 3.32
C6 PH6 A 3 3.20 -14.41 2.65
C5 PH6 A 3 4.37 -13.39 2.64
C4 PH6 A 3 3.94 -12.08 1.92
C3 PH6 A 3 2.65 -11.48 2.55
C2 PH6 A 3 1.49 -12.55 2.60
HA PH6 A 3 -0.71 -8.69 1.31
HB2 PH6 A 3 0.24 -10.12 2.78
HB3 PH6 A 3 1.30 -8.79 3.21
HG2 PH6 A 3 3.08 -9.47 1.84
HD2 PH6 A 3 1.56 -11.44 0.11
HD3 PH6 A 3 2.80 -10.24 -0.28
H1 PH6 A 3 2.14 -13.61 4.38
H61 PH6 A 3 3.51 -15.34 3.16
H62 PH6 A 3 2.96 -14.71 1.61
H21 PH6 A 3 1.15 -12.84 1.60
H22 PH6 A 3 1.11 -14.56 3.32
H51 PH6 A 3 5.26 -13.82 2.15
H52 PH6 A 3 4.67 -13.15 3.67
H41 PH6 A 3 4.77 -11.35 1.96
H42 PH6 A 3 3.79 -12.31 0.85
H31 PH6 A 3 2.88 -11.19 3.58
H32 PH6 A 3 0.60 -12.16 3.11
N TRP A 4 0.08 -6.39 0.41
CA TRP A 4 0.35 -4.95 0.28
C TRP A 4 0.01 -4.19 1.58
N PHE A 5 1.04 -3.58 2.17
CA PHE A 5 0.91 -2.81 3.44
C PHE A 5 1.02 -1.28 3.18
N SER A 6 2.12 -0.85 2.52
CA SER A 6 2.28 0.55 2.03
C SER A 6 1.59 0.84 0.65
N LYS A 7 0.48 0.17 0.31
CA LYS A 7 -0.33 0.47 -0.91
C LYS A 7 -1.33 1.64 -0.72
N PHE A 8 -2.23 1.51 0.28
CA PHE A 8 -3.14 2.62 0.69
C PHE A 8 -2.42 3.89 1.20
N LEU A 9 -1.44 3.73 2.11
CA LEU A 9 -0.52 4.81 2.50
C LEU A 9 0.39 5.35 1.37
N GLY A 10 1.05 4.51 0.55
CA GLY A 10 1.88 4.97 -0.60
C GLY A 10 1.24 5.89 -1.66
N ARG A 11 -0.01 5.59 -2.05
CA ARG A 11 -0.84 6.55 -2.85
C ARG A 11 -1.24 7.89 -2.16
N ILE A 12 -1.89 7.83 -1.00
CA ILE A 12 -2.24 9.04 -0.18
C ILE A 12 -0.99 9.89 0.28
N LEU A 13 0.15 9.25 0.58
CA LEU A 13 1.46 9.92 0.81
C LEU A 13 1.85 11.06 -0.20
N NH2 A 14 1.93 10.79 -1.49
HN1 NH2 A 14 1.96 11.65 -2.04
HN2 NH2 A 14 1.54 9.89 -1.75
N PHE A 1 -1.86 -13.45 -4.65
CA PHE A 1 -1.55 -12.01 -4.40
C PHE A 1 -0.97 -11.80 -2.96
N VAL A 2 -0.19 -10.73 -2.76
CA VAL A 2 0.28 -10.35 -1.39
C VAL A 2 -0.45 -9.03 -0.91
C PH6 A 3 -0.22 -6.62 1.22
O PH6 A 3 0.43 -6.62 2.27
CA PH6 A 3 -1.37 -7.62 0.95
CB PH6 A 3 -2.07 -8.10 2.23
CG PH6 A 3 -1.33 -9.38 2.65
CD PH6 A 3 -0.95 -10.02 1.32
N PH6 A 3 -0.90 -8.91 0.36
C1 PH6 A 3 -3.50 -10.60 5.69
C6 PH6 A 3 -2.62 -9.65 4.85
C5 PH6 A 3 -2.16 -10.35 3.54
C4 PH6 A 3 -1.39 -11.66 3.86
C3 PH6 A 3 -2.26 -12.62 4.70
C2 PH6 A 3 -2.74 -11.91 6.00
HA PH6 A 3 -2.14 -7.15 0.30
HB2 PH6 A 3 -3.14 -8.31 2.03
HB3 PH6 A 3 -2.04 -7.34 3.03
HG2 PH6 A 3 -0.39 -9.09 3.18
HD2 PH6 A 3 -1.71 -10.77 0.98
HD3 PH6 A 3 0.01 -10.54 1.42
H1 PH6 A 3 -4.43 -10.83 5.13
H61 PH6 A 3 -3.18 -8.72 4.63
H62 PH6 A 3 -1.73 -9.33 5.44
H21 PH6 A 3 -1.87 -11.70 6.63
H22 PH6 A 3 -3.82 -10.09 6.62
H51 PH6 A 3 -3.07 -10.61 2.96
H52 PH6 A 3 -1.08 -12.19 2.94
H41 PH6 A 3 -0.45 -11.45 4.40
H42 PH6 A 3 -1.71 -13.54 4.94
H31 PH6 A 3 -3.14 -12.94 4.11
H32 PH6 A 3 -3.38 -12.60 6.58
N TRP A 4 0.02 -5.75 0.24
CA TRP A 4 1.03 -4.68 0.39
C TRP A 4 0.42 -3.48 1.18
N PHE A 5 0.80 -3.38 2.45
CA PHE A 5 0.37 -2.27 3.37
C PHE A 5 0.98 -0.89 2.98
N SER A 6 2.31 -0.85 2.79
CA SER A 6 3.06 0.28 2.18
C SER A 6 2.50 0.83 0.84
N LYS A 7 2.12 -0.05 -0.12
CA LYS A 7 1.32 0.36 -1.31
C LYS A 7 0.03 1.21 -1.07
N PHE A 8 -0.75 0.88 -0.03
CA PHE A 8 -1.86 1.73 0.45
C PHE A 8 -1.41 3.15 0.93
N LEU A 9 -0.54 3.21 1.95
CA LEU A 9 0.11 4.48 2.37
C LEU A 9 0.78 5.30 1.23
N GLY A 10 1.57 4.68 0.35
CA GLY A 10 2.12 5.34 -0.86
C GLY A 10 1.14 6.09 -1.81
N ARG A 11 -0.01 5.49 -2.12
CA ARG A 11 -1.14 6.21 -2.77
C ARG A 11 -1.82 7.37 -1.96
N ILE A 12 -2.22 7.10 -0.71
CA ILE A 12 -2.76 8.15 0.22
C ILE A 12 -1.76 9.32 0.55
N LEU A 13 -0.45 9.04 0.64
CA LEU A 13 0.63 10.04 0.80
C LEU A 13 0.85 10.94 -0.47
N NH2 A 14 -0.05 11.85 -0.75
HN1 NH2 A 14 0.09 12.27 -1.68
HN2 NH2 A 14 -0.94 11.68 -0.28
N PHE A 1 -2.12 -13.85 -3.75
CA PHE A 1 -1.91 -12.38 -3.86
C PHE A 1 -0.70 -11.90 -3.01
N VAL A 2 -0.12 -10.73 -3.35
CA VAL A 2 0.92 -10.11 -2.47
C VAL A 2 0.29 -9.39 -1.22
C PH6 A 3 0.88 -7.25 1.11
O PH6 A 3 1.92 -6.84 1.65
CA PH6 A 3 0.40 -8.73 1.19
CB PH6 A 3 1.03 -9.52 2.34
CG PH6 A 3 2.31 -10.16 1.76
CD PH6 A 3 1.89 -10.48 0.32
N PH6 A 3 0.81 -9.54 0.02
C1 PH6 A 3 4.78 -13.02 4.04
C6 PH6 A 3 4.48 -13.35 2.56
C5 PH6 A 3 4.04 -12.07 1.81
C4 PH6 A 3 2.81 -11.41 2.50
C3 PH6 A 3 3.14 -11.08 3.99
C2 PH6 A 3 3.58 -12.36 4.74
HA PH6 A 3 -0.70 -8.75 1.32
HB2 PH6 A 3 0.34 -10.30 2.71
HB3 PH6 A 3 1.27 -8.89 3.21
HG2 PH6 A 3 3.11 -9.39 1.72
HD2 PH6 A 3 1.50 -11.52 0.22
HD3 PH6 A 3 2.77 -10.39 -0.34
H1 PH6 A 3 5.66 -12.35 4.10
H61 PH6 A 3 5.36 -13.81 2.07
H62 PH6 A 3 3.67 -14.12 2.50
H21 PH6 A 3 2.73 -13.06 4.78
H22 PH6 A 3 5.08 -13.95 4.58
H51 PH6 A 3 3.82 -12.34 0.76
H52 PH6 A 3 4.88 -11.35 1.76
H41 PH6 A 3 1.99 -12.15 2.51
H42 PH6 A 3 2.27 -10.64 4.50
H31 PH6 A 3 3.94 -10.31 4.04
H32 PH6 A 3 3.81 -12.11 5.79
N TRP A 4 0.10 -6.43 0.41
CA TRP A 4 0.36 -4.99 0.28
C TRP A 4 0.02 -4.23 1.60
N PHE A 5 1.04 -3.57 2.15
CA PHE A 5 0.93 -2.80 3.42
C PHE A 5 1.02 -1.28 3.15
N SER A 6 2.10 -0.84 2.49
CA SER A 6 2.29 0.56 2.04
C SER A 6 1.60 0.87 0.65
N LYS A 7 0.49 0.19 0.30
CA LYS A 7 -0.29 0.47 -0.93
C LYS A 7 -1.33 1.62 -0.77
N PHE A 8 -2.22 1.50 0.22
CA PHE A 8 -3.14 2.61 0.62
C PHE A 8 -2.43 3.88 1.15
N LEU A 9 -1.46 3.71 2.07
CA LEU A 9 -0.57 4.81 2.49
C LEU A 9 0.37 5.35 1.37
N GLY A 10 1.04 4.52 0.56
CA GLY A 10 1.89 5.00 -0.57
C GLY A 10 1.25 5.93 -1.63
N ARG A 11 0.01 5.63 -2.04
CA ARG A 11 -0.81 6.57 -2.86
C ARG A 11 -1.25 7.89 -2.18
N ILE A 12 -1.94 7.81 -1.02
CA ILE A 12 -2.31 9.01 -0.21
C ILE A 12 -1.07 9.88 0.27
N LEU A 13 0.09 9.25 0.56
CA LEU A 13 1.38 9.93 0.84
C LEU A 13 1.77 11.09 -0.14
N NH2 A 14 2.13 10.82 -1.38
HN1 NH2 A 14 2.25 11.65 -1.96
HN2 NH2 A 14 2.08 9.83 -1.65
N PHE A 1 -1.60 -14.03 -4.22
CA PHE A 1 -1.84 -12.62 -3.80
C PHE A 1 -0.58 -12.06 -3.07
N VAL A 2 -0.24 -10.78 -3.29
CA VAL A 2 0.83 -10.11 -2.49
C VAL A 2 0.23 -9.43 -1.20
C PH6 A 3 0.90 -7.23 1.07
O PH6 A 3 1.97 -6.77 1.48
CA PH6 A 3 0.51 -8.72 1.19
CB PH6 A 3 1.26 -9.47 2.30
CG PH6 A 3 2.49 -10.12 1.64
CD PH6 A 3 2.05 -10.36 0.20
N PH6 A 3 0.89 -9.50 -0.01
C1 PH6 A 3 2.56 -13.78 3.17
C6 PH6 A 3 3.79 -14.27 2.39
C5 PH6 A 3 4.89 -13.18 2.29
C4 PH6 A 3 4.32 -11.91 1.62
C3 PH6 A 3 3.04 -11.38 2.34
C2 PH6 A 3 1.99 -12.53 2.50
HA PH6 A 3 -0.58 -8.81 1.40
HB2 PH6 A 3 0.58 -10.20 2.77
HB3 PH6 A 3 1.57 -8.80 3.12
HG2 PH6 A 3 3.29 -9.34 1.61
HD2 PH6 A 3 1.79 -11.41 0.00
HD3 PH6 A 3 2.90 -10.12 -0.47
H1 PH6 A 3 2.83 -13.53 4.22
H61 PH6 A 3 4.20 -15.19 2.87
H62 PH6 A 3 3.49 -14.59 1.37
H21 PH6 A 3 1.58 -12.83 1.51
H22 PH6 A 3 1.78 -14.56 3.23
H51 PH6 A 3 5.76 -13.56 1.74
H52 PH6 A 3 5.26 -12.92 3.30
H41 PH6 A 3 5.11 -11.12 1.58
H42 PH6 A 3 4.11 -12.14 0.56
H31 PH6 A 3 3.35 -11.07 3.36
H32 PH6 A 3 1.11 -12.19 3.07
N TRP A 4 0.00 -6.47 0.45
CA TRP A 4 0.17 -5.01 0.30
C TRP A 4 -0.12 -4.26 1.64
N PHE A 5 0.92 -3.56 2.14
CA PHE A 5 0.86 -2.82 3.43
C PHE A 5 0.95 -1.28 3.17
N SER A 6 2.05 -0.84 2.52
CA SER A 6 2.19 0.53 1.99
C SER A 6 1.47 0.83 0.62
N LYS A 7 0.34 0.17 0.31
CA LYS A 7 -0.48 0.47 -0.89
C LYS A 7 -1.49 1.65 -0.69
N PHE A 8 -2.30 1.60 0.37
CA PHE A 8 -3.15 2.74 0.82
C PHE A 8 -2.36 3.99 1.28
N LEU A 9 -1.38 3.82 2.16
CA LEU A 9 -0.42 4.90 2.52
C LEU A 9 0.47 5.39 1.35
N GLY A 10 1.06 4.53 0.50
CA GLY A 10 1.85 4.97 -0.68
C GLY A 10 1.18 5.90 -1.72
N ARG A 11 -0.08 5.64 -2.07
CA ARG A 11 -0.94 6.60 -2.83
C ARG A 11 -1.26 7.95 -2.13
N ILE A 12 -1.87 7.91 -0.94
CA ILE A 12 -2.16 9.13 -0.11
C ILE A 12 -0.88 9.94 0.30
N LEU A 13 0.27 9.28 0.55
CA LEU A 13 1.60 9.92 0.72
C LEU A 13 1.98 11.05 -0.30
N NH2 A 14 1.99 10.79 -1.59
HN1 NH2 A 14 2.04 11.64 -2.16
HN2 NH2 A 14 1.58 9.89 -1.84
#